data_8XFI
#
_entry.id   8XFI
#
_cell.length_a   61.415
_cell.length_b   70.571
_cell.length_c   69.073
_cell.angle_alpha   90.000
_cell.angle_beta   110.658
_cell.angle_gamma   90.000
#
_symmetry.space_group_name_H-M   'P 1 21 1'
#
loop_
_entity.id
_entity.type
_entity.pdbx_description
1 polymer 'Iron-hydroxamate ABC transporter substrate-binding protein'
2 non-polymer (8E)-6,17,28-trihydroxy-1,6,12,17,23,28-hexaazacyclotritriacont-8-ene-2,5,13,16,24,27-hexone
3 non-polymer 'FE (III) ION'
4 non-polymer 'CHLORIDE ION'
5 water water
#
_entity_poly.entity_id   1
_entity_poly.type   'polypeptide(L)'
_entity_poly.pdbx_seq_one_letter_code
;SNTASKSLSPMPQIAGVTYYGDIPKQPKRVVSLASTYTGYLKKLDMNLVGVTSYDKKNPILAKTVKKAKQVAATDLEAIT
TLKPDLIVVGSTEENIKQLAEIAPVISIEYRKRDYLQVLSDFGRIFNKEGKAKKWLKDWKTKTAAYEKEVKAVTGDKATF
TIMGLYEKDVYLFGKDWGRGGEIIHQAFHYDAPEKVKTEVFKQGYLSLSQEVLPDYIGDYVVIAAEDDKTGSALYESKLW
QSIPAVKKHHVIKVNANVFYFTDPLSLEYQLETLREAILSSEN
;
_entity_poly.pdbx_strand_id   A,B
#
loop_
_chem_comp.id
_chem_comp.type
_chem_comp.name
_chem_comp.formula
6L0 non-polymer (8E)-6,17,28-trihydroxy-1,6,12,17,23,28-hexaazacyclotritriacont-8-ene-2,5,13,16,24,27-hexone 'C27 H46 N6 O9'
CL non-polymer 'CHLORIDE ION' 'Cl -1'
FE non-polymer 'FE (III) ION' 'Fe 3'
#
# COMPACT_ATOMS: atom_id res chain seq x y z
N LEU A 8 -23.22 8.18 -13.91
CA LEU A 8 -21.82 7.71 -14.13
C LEU A 8 -21.05 7.66 -12.80
N SER A 9 -20.24 6.61 -12.64
CA SER A 9 -19.32 6.49 -11.52
C SER A 9 -18.30 7.65 -11.55
N PRO A 10 -17.84 8.15 -10.39
CA PRO A 10 -16.80 9.18 -10.41
C PRO A 10 -15.52 8.69 -11.10
N MET A 11 -15.28 7.36 -11.10
CA MET A 11 -14.14 6.78 -11.82
C MET A 11 -12.83 7.40 -11.31
N PRO A 12 -12.51 7.26 -10.01
CA PRO A 12 -11.30 7.88 -9.47
C PRO A 12 -10.06 7.16 -9.98
N GLN A 13 -9.00 7.95 -10.15
CA GLN A 13 -7.67 7.44 -10.46
C GLN A 13 -7.16 6.60 -9.30
N ILE A 14 -6.92 5.32 -9.60
CA ILE A 14 -6.42 4.40 -8.60
C ILE A 14 -5.29 3.61 -9.26
N ALA A 15 -4.16 3.45 -8.53
CA ALA A 15 -3.07 2.60 -8.99
C ALA A 15 -3.61 1.23 -9.40
N GLY A 16 -3.30 0.82 -10.63
CA GLY A 16 -3.68 -0.48 -11.16
C GLY A 16 -5.10 -0.55 -11.74
N VAL A 17 -5.88 0.53 -11.63
CA VAL A 17 -7.23 0.56 -12.21
C VAL A 17 -7.17 1.27 -13.55
N THR A 18 -7.67 0.61 -14.61
CA THR A 18 -7.90 1.23 -15.90
C THR A 18 -9.37 1.06 -16.24
N TYR A 19 -9.99 2.17 -16.66
CA TYR A 19 -11.38 2.16 -17.10
C TYR A 19 -11.45 2.20 -18.62
N TYR A 20 -12.33 1.38 -19.19
CA TYR A 20 -12.70 1.43 -20.59
C TYR A 20 -14.18 1.78 -20.71
N GLY A 21 -14.45 2.94 -21.30
CA GLY A 21 -15.82 3.43 -21.43
C GLY A 21 -16.30 4.04 -20.11
N ASP A 22 -17.58 4.39 -20.08
CA ASP A 22 -18.18 5.13 -18.98
C ASP A 22 -18.79 4.14 -17.98
N ILE A 23 -18.14 4.01 -16.81
CA ILE A 23 -18.60 3.07 -15.81
C ILE A 23 -19.89 3.61 -15.20
N PRO A 24 -20.98 2.81 -15.10
CA PRO A 24 -22.22 3.29 -14.50
C PRO A 24 -22.04 3.53 -13.00
N LYS A 25 -22.79 4.48 -12.47
CA LYS A 25 -22.72 4.78 -11.05
C LYS A 25 -23.27 3.60 -10.25
N GLN A 26 -24.39 3.03 -10.73
CA GLN A 26 -25.07 1.92 -10.08
C GLN A 26 -25.24 0.75 -11.03
N PRO A 27 -24.18 -0.03 -11.34
CA PRO A 27 -24.29 -1.14 -12.30
C PRO A 27 -25.29 -2.16 -11.78
N LYS A 28 -26.16 -2.67 -12.67
CA LYS A 28 -27.17 -3.65 -12.30
C LYS A 28 -26.85 -5.08 -12.77
N ARG A 29 -25.94 -5.23 -13.74
CA ARG A 29 -25.71 -6.52 -14.38
C ARG A 29 -24.21 -6.69 -14.61
N VAL A 30 -23.53 -7.24 -13.61
CA VAL A 30 -22.08 -7.30 -13.66
C VAL A 30 -21.58 -8.69 -14.06
N VAL A 31 -20.64 -8.71 -15.01
CA VAL A 31 -19.85 -9.88 -15.31
C VAL A 31 -18.46 -9.74 -14.68
N SER A 32 -18.11 -10.68 -13.79
CA SER A 32 -16.77 -10.77 -13.22
C SER A 32 -15.96 -11.85 -13.95
N LEU A 33 -14.86 -11.45 -14.59
CA LEU A 33 -14.00 -12.38 -15.29
C LEU A 33 -12.70 -12.61 -14.52
N ALA A 34 -12.61 -12.03 -13.31
CA ALA A 34 -11.41 -12.18 -12.48
C ALA A 34 -11.85 -12.62 -11.10
N SER A 35 -11.51 -13.87 -10.78
CA SER A 35 -11.84 -14.47 -9.50
C SER A 35 -11.30 -13.65 -8.33
N THR A 36 -10.17 -12.96 -8.53
CA THR A 36 -9.67 -12.04 -7.52
C THR A 36 -10.78 -11.16 -6.97
N TYR A 37 -11.67 -10.62 -7.84
CA TYR A 37 -12.54 -9.50 -7.47
C TYR A 37 -13.99 -9.91 -7.23
N THR A 38 -14.40 -11.11 -7.64
CA THR A 38 -15.81 -11.48 -7.65
C THR A 38 -16.41 -11.24 -6.28
N GLY A 39 -15.68 -11.66 -5.24
CA GLY A 39 -16.22 -11.66 -3.90
C GLY A 39 -16.30 -10.25 -3.31
N TYR A 40 -15.41 -9.36 -3.79
CA TYR A 40 -15.45 -7.94 -3.42
C TYR A 40 -16.73 -7.30 -3.96
N LEU A 41 -17.10 -7.66 -5.19
CA LEU A 41 -18.30 -7.11 -5.82
C LEU A 41 -19.54 -7.65 -5.10
N LYS A 42 -19.50 -8.93 -4.72
CA LYS A 42 -20.57 -9.52 -3.95
C LYS A 42 -20.72 -8.84 -2.60
N LYS A 43 -19.61 -8.53 -1.94
CA LYS A 43 -19.65 -7.89 -0.63
C LYS A 43 -20.39 -6.54 -0.71
N LEU A 44 -20.22 -5.85 -1.83
CA LEU A 44 -20.83 -4.54 -2.03
C LEU A 44 -22.23 -4.69 -2.65
N ASP A 45 -22.76 -5.92 -2.62
CA ASP A 45 -24.10 -6.25 -3.08
CA ASP A 45 -24.09 -6.27 -3.09
C ASP A 45 -24.30 -5.85 -4.54
N MET A 46 -23.28 -6.08 -5.38
CA MET A 46 -23.42 -5.89 -6.81
C MET A 46 -24.09 -7.14 -7.38
N ASN A 47 -24.91 -6.97 -8.43
CA ASN A 47 -25.63 -8.08 -9.02
C ASN A 47 -24.76 -8.76 -10.07
N LEU A 48 -24.20 -9.92 -9.73
CA LEU A 48 -23.32 -10.67 -10.63
C LEU A 48 -24.14 -11.62 -11.51
N VAL A 49 -24.09 -11.42 -12.82
CA VAL A 49 -24.82 -12.26 -13.76
C VAL A 49 -23.86 -13.16 -14.52
N GLY A 50 -22.55 -12.93 -14.36
CA GLY A 50 -21.52 -13.84 -14.85
C GLY A 50 -20.32 -13.88 -13.89
N VAL A 51 -19.72 -15.08 -13.76
CA VAL A 51 -18.57 -15.34 -12.91
C VAL A 51 -17.71 -16.42 -13.56
N THR A 52 -16.54 -16.73 -12.95
CA THR A 52 -15.54 -17.59 -13.56
C THR A 52 -15.71 -19.01 -13.03
N SER A 53 -14.99 -19.96 -13.66
CA SER A 53 -15.04 -21.34 -13.19
C SER A 53 -14.48 -21.45 -11.78
N TYR A 54 -13.46 -20.64 -11.44
CA TYR A 54 -12.87 -20.69 -10.10
C TYR A 54 -13.89 -20.22 -9.06
N ASP A 55 -14.68 -19.21 -9.39
CA ASP A 55 -15.76 -18.76 -8.52
C ASP A 55 -16.76 -19.88 -8.24
N LYS A 56 -17.11 -20.63 -9.28
CA LYS A 56 -18.09 -21.70 -9.15
C LYS A 56 -17.54 -22.83 -8.26
N LYS A 57 -16.23 -23.05 -8.30
CA LYS A 57 -15.60 -24.11 -7.53
C LYS A 57 -15.23 -23.67 -6.10
N ASN A 58 -15.41 -22.38 -5.81
CA ASN A 58 -15.21 -21.85 -4.47
C ASN A 58 -16.50 -22.09 -3.69
N PRO A 59 -16.49 -23.04 -2.73
CA PRO A 59 -17.73 -23.48 -2.08
C PRO A 59 -18.38 -22.37 -1.25
N ILE A 60 -17.57 -21.43 -0.73
CA ILE A 60 -18.09 -20.31 0.05
C ILE A 60 -18.75 -19.28 -0.87
N LEU A 61 -18.01 -18.86 -1.90
CA LEU A 61 -18.49 -17.85 -2.84
C LEU A 61 -19.61 -18.41 -3.72
N ALA A 62 -19.50 -19.68 -4.13
CA ALA A 62 -20.49 -20.30 -5.01
C ALA A 62 -21.93 -20.21 -4.45
N LYS A 63 -22.09 -20.19 -3.12
CA LYS A 63 -23.42 -20.11 -2.52
C LYS A 63 -24.13 -18.79 -2.85
N THR A 64 -23.38 -17.74 -3.23
CA THR A 64 -23.89 -16.38 -3.35
C THR A 64 -24.12 -16.00 -4.80
N VAL A 65 -23.67 -16.84 -5.74
CA VAL A 65 -23.74 -16.50 -7.16
C VAL A 65 -24.31 -17.69 -7.96
N LYS A 66 -25.27 -18.43 -7.38
CA LYS A 66 -25.85 -19.57 -8.04
C LYS A 66 -26.54 -19.15 -9.33
N LYS A 67 -27.09 -17.94 -9.37
CA LYS A 67 -27.78 -17.42 -10.54
C LYS A 67 -26.81 -16.94 -11.60
N ALA A 68 -25.53 -16.68 -11.26
CA ALA A 68 -24.59 -16.24 -12.28
C ALA A 68 -24.23 -17.40 -13.21
N LYS A 69 -24.04 -17.11 -14.50
CA LYS A 69 -23.52 -18.07 -15.44
C LYS A 69 -21.99 -18.09 -15.40
N GLN A 70 -21.40 -19.29 -15.46
CA GLN A 70 -19.97 -19.45 -15.58
C GLN A 70 -19.56 -19.07 -16.99
N VAL A 71 -18.63 -18.11 -17.10
CA VAL A 71 -18.11 -17.66 -18.38
C VAL A 71 -16.60 -17.49 -18.27
N ALA A 72 -15.91 -17.72 -19.40
CA ALA A 72 -14.50 -17.37 -19.61
C ALA A 72 -14.39 -16.07 -20.39
N ALA A 73 -13.27 -15.36 -20.28
CA ALA A 73 -13.11 -14.08 -20.97
C ALA A 73 -13.34 -14.23 -22.48
N THR A 74 -13.03 -15.42 -23.02
CA THR A 74 -13.07 -15.67 -24.44
C THR A 74 -14.50 -15.97 -24.92
N ASP A 75 -15.45 -16.16 -24.00
CA ASP A 75 -16.83 -16.52 -24.36
C ASP A 75 -17.62 -15.26 -24.73
N LEU A 76 -17.28 -14.63 -25.85
CA LEU A 76 -17.77 -13.29 -26.17
C LEU A 76 -19.29 -13.32 -26.41
N GLU A 77 -19.78 -14.36 -27.09
CA GLU A 77 -21.21 -14.47 -27.38
CA GLU A 77 -21.20 -14.55 -27.38
C GLU A 77 -22.00 -14.68 -26.08
N ALA A 78 -21.50 -15.53 -25.18
CA ALA A 78 -22.16 -15.75 -23.90
C ALA A 78 -22.20 -14.47 -23.06
N ILE A 79 -21.07 -13.76 -22.98
CA ILE A 79 -21.03 -12.51 -22.24
C ILE A 79 -21.99 -11.50 -22.87
N THR A 80 -22.05 -11.41 -24.20
CA THR A 80 -22.98 -10.50 -24.86
C THR A 80 -24.42 -10.81 -24.41
N THR A 81 -24.80 -12.10 -24.50
CA THR A 81 -26.14 -12.55 -24.15
C THR A 81 -26.54 -12.19 -22.70
N LEU A 82 -25.57 -12.08 -21.78
CA LEU A 82 -25.84 -11.73 -20.40
C LEU A 82 -26.20 -10.25 -20.23
N LYS A 83 -25.96 -9.44 -21.28
CA LYS A 83 -26.32 -8.03 -21.31
C LYS A 83 -25.72 -7.30 -20.11
N PRO A 84 -24.37 -7.36 -19.93
CA PRO A 84 -23.73 -6.67 -18.81
C PRO A 84 -23.82 -5.17 -19.03
N ASP A 85 -23.87 -4.39 -17.95
CA ASP A 85 -23.57 -2.96 -18.02
C ASP A 85 -22.20 -2.70 -17.42
N LEU A 86 -21.53 -3.75 -16.90
CA LEU A 86 -20.16 -3.63 -16.41
C LEU A 86 -19.48 -4.99 -16.48
N ILE A 87 -18.23 -4.97 -16.93
CA ILE A 87 -17.36 -6.14 -16.93
C ILE A 87 -16.11 -5.81 -16.11
N VAL A 88 -15.68 -6.74 -15.24
CA VAL A 88 -14.48 -6.55 -14.44
C VAL A 88 -13.47 -7.64 -14.81
N VAL A 89 -12.24 -7.24 -15.17
CA VAL A 89 -11.20 -8.14 -15.67
C VAL A 89 -9.89 -7.88 -14.93
N GLY A 90 -9.02 -8.91 -14.96
CA GLY A 90 -7.61 -8.74 -14.65
C GLY A 90 -6.85 -8.22 -15.86
N SER A 91 -5.84 -7.37 -15.62
CA SER A 91 -5.17 -6.63 -16.67
C SER A 91 -4.35 -7.54 -17.60
N THR A 92 -4.03 -8.78 -17.18
CA THR A 92 -3.30 -9.68 -18.09
C THR A 92 -4.26 -10.36 -19.08
N GLU A 93 -5.57 -10.09 -19.01
CA GLU A 93 -6.48 -10.71 -19.96
C GLU A 93 -6.11 -10.22 -21.37
N GLU A 94 -6.21 -11.12 -22.36
CA GLU A 94 -5.63 -10.88 -23.68
C GLU A 94 -6.60 -10.20 -24.65
N ASN A 95 -7.88 -10.09 -24.28
CA ASN A 95 -8.93 -9.67 -25.22
C ASN A 95 -9.74 -8.49 -24.68
N ILE A 96 -9.09 -7.58 -23.96
CA ILE A 96 -9.82 -6.57 -23.20
C ILE A 96 -10.50 -5.61 -24.17
N LYS A 97 -9.88 -5.38 -25.32
CA LYS A 97 -10.46 -4.55 -26.37
C LYS A 97 -11.80 -5.11 -26.83
N GLN A 98 -11.89 -6.44 -27.00
CA GLN A 98 -13.12 -7.09 -27.46
C GLN A 98 -14.18 -6.96 -26.37
N LEU A 99 -13.76 -7.13 -25.12
CA LEU A 99 -14.70 -7.03 -24.00
C LEU A 99 -15.28 -5.63 -23.85
N ALA A 100 -14.48 -4.58 -24.07
CA ALA A 100 -14.95 -3.21 -23.95
C ALA A 100 -15.95 -2.84 -25.05
N GLU A 101 -16.00 -3.60 -26.14
CA GLU A 101 -17.01 -3.41 -27.17
C GLU A 101 -18.39 -3.88 -26.70
N ILE A 102 -18.43 -4.74 -25.67
CA ILE A 102 -19.68 -5.30 -25.16
C ILE A 102 -20.25 -4.38 -24.07
N ALA A 103 -19.39 -3.93 -23.16
CA ALA A 103 -19.84 -3.14 -22.03
C ALA A 103 -18.65 -2.38 -21.43
N PRO A 104 -18.90 -1.34 -20.62
CA PRO A 104 -17.81 -0.70 -19.87
C PRO A 104 -17.04 -1.76 -19.07
N VAL A 105 -15.72 -1.60 -19.02
CA VAL A 105 -14.81 -2.54 -18.40
C VAL A 105 -13.96 -1.80 -17.37
N ILE A 106 -13.83 -2.42 -16.21
CA ILE A 106 -12.80 -2.07 -15.25
C ILE A 106 -11.73 -3.15 -15.31
N SER A 107 -10.49 -2.74 -15.63
CA SER A 107 -9.34 -3.64 -15.66
C SER A 107 -8.42 -3.35 -14.46
N ILE A 108 -8.06 -4.39 -13.69
CA ILE A 108 -7.25 -4.21 -12.50
C ILE A 108 -5.95 -4.99 -12.63
N GLU A 109 -4.84 -4.28 -12.39
CA GLU A 109 -3.51 -4.87 -12.33
C GLU A 109 -3.23 -5.33 -10.89
N TYR A 110 -2.95 -6.63 -10.76
CA TYR A 110 -2.93 -7.29 -9.46
C TYR A 110 -1.86 -6.65 -8.58
N ARG A 111 -2.22 -6.39 -7.31
CA ARG A 111 -1.26 -6.11 -6.25
C ARG A 111 -0.82 -4.65 -6.17
N LYS A 112 -1.29 -3.80 -7.09
CA LYS A 112 -1.02 -2.37 -7.05
C LYS A 112 -1.72 -1.74 -5.85
N ARG A 113 -2.86 -2.33 -5.48
CA ARG A 113 -3.58 -2.02 -4.26
C ARG A 113 -3.71 -3.32 -3.47
N ASP A 114 -3.69 -3.20 -2.13
CA ASP A 114 -3.70 -4.35 -1.23
C ASP A 114 -5.11 -4.91 -1.06
N TYR A 115 -5.21 -6.04 -0.36
CA TYR A 115 -6.44 -6.81 -0.33
C TYR A 115 -7.55 -6.03 0.37
N LEU A 116 -7.20 -5.08 1.22
CA LEU A 116 -8.18 -4.25 1.92
C LEU A 116 -8.55 -3.04 1.07
N GLN A 117 -7.51 -2.39 0.52
CA GLN A 117 -7.67 -1.19 -0.32
C GLN A 117 -8.57 -1.49 -1.52
N VAL A 118 -8.48 -2.70 -2.07
CA VAL A 118 -9.32 -3.09 -3.20
C VAL A 118 -10.81 -2.89 -2.86
N LEU A 119 -11.19 -3.17 -1.61
CA LEU A 119 -12.59 -3.05 -1.21
C LEU A 119 -12.98 -1.57 -1.16
N SER A 120 -12.17 -0.75 -0.48
CA SER A 120 -12.49 0.67 -0.33
C SER A 120 -12.42 1.37 -1.68
N ASP A 121 -11.53 0.91 -2.56
CA ASP A 121 -11.47 1.42 -3.93
C ASP A 121 -12.79 1.18 -4.67
N PHE A 122 -13.33 -0.04 -4.60
CA PHE A 122 -14.60 -0.35 -5.24
C PHE A 122 -15.73 0.47 -4.59
N GLY A 123 -15.66 0.62 -3.26
CA GLY A 123 -16.56 1.48 -2.51
C GLY A 123 -16.66 2.86 -3.15
N ARG A 124 -15.51 3.43 -3.52
CA ARG A 124 -15.48 4.74 -4.16
C ARG A 124 -15.99 4.67 -5.61
N ILE A 125 -15.61 3.65 -6.38
CA ILE A 125 -16.06 3.54 -7.76
C ILE A 125 -17.58 3.40 -7.83
N PHE A 126 -18.17 2.61 -6.91
CA PHE A 126 -19.58 2.25 -7.02
C PHE A 126 -20.44 2.99 -6.03
N ASN A 127 -19.85 3.97 -5.31
CA ASN A 127 -20.56 4.80 -4.36
C ASN A 127 -21.16 3.96 -3.24
N LYS A 128 -20.38 2.98 -2.76
CA LYS A 128 -20.74 2.08 -1.68
C LYS A 128 -19.66 2.14 -0.60
N GLU A 129 -19.16 3.36 -0.33
CA GLU A 129 -18.17 3.59 0.70
C GLU A 129 -18.67 3.06 2.04
N GLY A 130 -19.99 3.15 2.29
CA GLY A 130 -20.55 2.78 3.57
C GLY A 130 -20.33 1.31 3.91
N LYS A 131 -20.63 0.42 2.95
CA LYS A 131 -20.50 -1.02 3.14
C LYS A 131 -19.03 -1.40 3.21
N ALA A 132 -18.18 -0.75 2.41
CA ALA A 132 -16.75 -0.99 2.47
C ALA A 132 -16.24 -0.64 3.87
N LYS A 133 -16.56 0.58 4.32
CA LYS A 133 -16.08 1.04 5.61
C LYS A 133 -16.50 0.07 6.71
N LYS A 134 -17.77 -0.36 6.69
CA LYS A 134 -18.32 -1.20 7.75
C LYS A 134 -17.54 -2.51 7.84
N TRP A 135 -17.40 -3.21 6.70
CA TRP A 135 -16.69 -4.47 6.69
C TRP A 135 -15.24 -4.29 7.14
N LEU A 136 -14.59 -3.21 6.71
CA LEU A 136 -13.16 -3.01 6.98
C LEU A 136 -12.95 -2.75 8.47
N LYS A 137 -13.81 -1.93 9.08
CA LYS A 137 -13.80 -1.68 10.51
C LYS A 137 -13.89 -2.99 11.30
N ASP A 138 -14.87 -3.83 10.96
CA ASP A 138 -15.11 -5.06 11.72
C ASP A 138 -13.98 -6.06 11.49
N TRP A 139 -13.41 -6.08 10.26
CA TRP A 139 -12.29 -6.95 9.94
C TRP A 139 -11.10 -6.62 10.83
N LYS A 140 -10.83 -5.31 10.96
CA LYS A 140 -9.70 -4.81 11.74
C LYS A 140 -9.83 -5.23 13.20
N THR A 141 -11.04 -5.04 13.77
CA THR A 141 -11.34 -5.38 15.14
C THR A 141 -11.12 -6.87 15.36
N LYS A 142 -11.80 -7.66 14.52
CA LYS A 142 -11.77 -9.11 14.63
C LYS A 142 -10.35 -9.63 14.44
N THR A 143 -9.61 -9.08 13.47
CA THR A 143 -8.28 -9.62 13.19
C THR A 143 -7.34 -9.30 14.35
N ALA A 144 -7.47 -8.08 14.90
CA ALA A 144 -6.68 -7.67 16.05
C ALA A 144 -6.88 -8.63 17.21
N ALA A 145 -8.13 -9.05 17.44
CA ALA A 145 -8.47 -9.90 18.57
C ALA A 145 -7.93 -11.32 18.34
N TYR A 146 -8.12 -11.81 17.12
CA TYR A 146 -7.72 -13.17 16.77
C TYR A 146 -6.19 -13.27 16.76
N GLU A 147 -5.50 -12.21 16.32
CA GLU A 147 -4.04 -12.14 16.37
C GLU A 147 -3.57 -12.43 17.80
N LYS A 148 -4.20 -11.81 18.79
CA LYS A 148 -3.78 -12.00 20.18
C LYS A 148 -3.97 -13.45 20.59
N GLU A 149 -5.02 -14.11 20.10
CA GLU A 149 -5.35 -15.47 20.52
C GLU A 149 -4.34 -16.47 19.96
N VAL A 150 -3.98 -16.31 18.68
CA VAL A 150 -3.14 -17.29 18.02
C VAL A 150 -1.72 -17.09 18.52
N LYS A 151 -1.34 -15.84 18.81
CA LYS A 151 0.03 -15.57 19.23
C LYS A 151 0.26 -16.00 20.69
N ALA A 152 -0.81 -16.10 21.49
CA ALA A 152 -0.72 -16.61 22.84
C ALA A 152 -0.31 -18.09 22.83
N VAL A 153 -0.70 -18.79 21.76
CA VAL A 153 -0.38 -20.19 21.58
C VAL A 153 0.96 -20.36 20.86
N THR A 154 1.23 -19.60 19.80
CA THR A 154 2.42 -19.86 18.99
C THR A 154 3.64 -19.13 19.55
N GLY A 155 3.44 -18.04 20.30
CA GLY A 155 4.49 -17.05 20.56
C GLY A 155 4.50 -15.98 19.47
N ASP A 156 4.87 -14.75 19.84
CA ASP A 156 4.83 -13.61 18.94
C ASP A 156 5.82 -13.74 17.79
N LYS A 157 6.91 -14.52 17.95
CA LYS A 157 7.96 -14.57 16.97
C LYS A 157 7.94 -15.88 16.16
N ALA A 158 6.85 -16.65 16.31
CA ALA A 158 6.69 -17.86 15.51
C ALA A 158 6.69 -17.54 14.02
N THR A 159 7.35 -18.39 13.23
CA THR A 159 7.37 -18.17 11.78
C THR A 159 6.38 -19.10 11.09
N PHE A 160 5.74 -18.54 10.06
CA PHE A 160 4.86 -19.24 9.16
C PHE A 160 5.39 -19.19 7.73
N THR A 161 5.15 -20.27 6.99
CA THR A 161 5.36 -20.30 5.56
C THR A 161 4.04 -20.71 4.88
N ILE A 162 3.68 -19.95 3.83
CA ILE A 162 2.55 -20.29 2.98
C ILE A 162 3.08 -21.12 1.81
N MET A 163 2.46 -22.28 1.59
CA MET A 163 2.80 -23.07 0.42
C MET A 163 1.54 -23.59 -0.24
N GLY A 164 1.72 -24.02 -1.48
CA GLY A 164 0.66 -24.49 -2.35
C GLY A 164 1.19 -25.62 -3.23
N LEU A 165 0.33 -26.65 -3.38
CA LEU A 165 0.56 -27.75 -4.31
C LEU A 165 -0.42 -27.59 -5.48
N TYR A 166 0.11 -27.65 -6.70
CA TYR A 166 -0.69 -27.49 -7.90
C TYR A 166 -0.21 -28.51 -8.92
N GLU A 167 -1.06 -29.50 -9.21
CA GLU A 167 -0.65 -30.63 -10.04
C GLU A 167 0.61 -31.23 -9.41
N LYS A 168 1.75 -31.18 -10.11
CA LYS A 168 2.97 -31.81 -9.64
C LYS A 168 4.00 -30.78 -9.16
N ASP A 169 3.58 -29.52 -9.02
CA ASP A 169 4.50 -28.45 -8.70
C ASP A 169 4.26 -27.99 -7.26
N VAL A 170 5.31 -27.45 -6.65
CA VAL A 170 5.28 -26.93 -5.30
C VAL A 170 5.57 -25.43 -5.35
N TYR A 171 4.76 -24.64 -4.64
CA TYR A 171 5.01 -23.21 -4.57
C TYR A 171 5.00 -22.72 -3.13
N LEU A 172 5.82 -21.67 -2.91
CA LEU A 172 5.79 -20.83 -1.74
C LEU A 172 5.14 -19.51 -2.13
N PHE A 173 4.36 -18.91 -1.22
CA PHE A 173 3.73 -17.61 -1.44
C PHE A 173 4.11 -16.64 -0.34
N GLY A 174 3.85 -15.35 -0.61
CA GLY A 174 4.20 -14.28 0.30
C GLY A 174 3.02 -13.79 1.14
N LYS A 175 2.94 -12.46 1.30
CA LYS A 175 1.96 -11.80 2.15
C LYS A 175 0.67 -11.50 1.38
N ASP A 176 0.75 -11.50 0.05
CA ASP A 176 -0.31 -10.92 -0.77
C ASP A 176 -0.55 -11.66 -2.09
N TRP A 177 -0.43 -13.00 -2.07
CA TRP A 177 -0.70 -13.81 -3.24
C TRP A 177 -1.66 -14.95 -2.90
N GLY A 178 -2.54 -14.72 -1.92
CA GLY A 178 -3.55 -15.70 -1.53
C GLY A 178 -2.94 -16.85 -0.72
N ARG A 179 -3.68 -17.96 -0.67
CA ARG A 179 -3.29 -19.19 0.01
C ARG A 179 -3.12 -19.00 1.50
N GLY A 180 -3.72 -17.94 2.06
CA GLY A 180 -3.74 -17.69 3.51
C GLY A 180 -2.74 -16.61 3.91
N GLY A 181 -1.88 -16.19 2.99
CA GLY A 181 -0.82 -15.22 3.25
C GLY A 181 -1.36 -13.90 3.82
N GLU A 182 -2.47 -13.40 3.25
CA GLU A 182 -3.09 -12.17 3.69
C GLU A 182 -3.41 -12.26 5.17
N ILE A 183 -4.02 -13.36 5.58
CA ILE A 183 -4.42 -13.50 6.97
C ILE A 183 -3.18 -13.67 7.86
N ILE A 184 -2.32 -14.63 7.49
CA ILE A 184 -1.18 -15.04 8.32
C ILE A 184 -0.19 -13.88 8.46
N HIS A 185 0.21 -13.30 7.32
CA HIS A 185 1.27 -12.31 7.30
C HIS A 185 0.79 -10.87 7.50
N GLN A 186 -0.42 -10.52 7.01
CA GLN A 186 -0.91 -9.15 7.22
C GLN A 186 -1.81 -9.08 8.46
N ALA A 187 -2.89 -9.87 8.48
CA ALA A 187 -3.90 -9.71 9.52
C ALA A 187 -3.35 -10.15 10.88
N PHE A 188 -2.60 -11.27 10.92
CA PHE A 188 -2.02 -11.75 12.16
C PHE A 188 -0.56 -11.29 12.37
N HIS A 189 0.00 -10.55 11.40
CA HIS A 189 1.38 -10.04 11.45
C HIS A 189 2.35 -11.14 11.88
N TYR A 190 2.30 -12.31 11.27
CA TYR A 190 3.31 -13.31 11.51
C TYR A 190 4.47 -13.12 10.56
N ASP A 191 5.69 -13.21 11.09
CA ASP A 191 6.90 -13.30 10.30
C ASP A 191 6.94 -14.62 9.52
N ALA A 192 7.61 -14.58 8.37
CA ALA A 192 8.08 -15.74 7.64
C ALA A 192 9.54 -16.01 8.01
N PRO A 193 10.04 -17.25 7.77
CA PRO A 193 11.48 -17.47 7.82
C PRO A 193 12.21 -16.47 6.92
N GLU A 194 13.42 -16.13 7.32
CA GLU A 194 14.25 -15.16 6.61
C GLU A 194 14.33 -15.52 5.12
N LYS A 195 14.50 -16.80 4.80
CA LYS A 195 14.68 -17.21 3.41
C LYS A 195 13.43 -17.00 2.57
N VAL A 196 12.23 -17.09 3.19
CA VAL A 196 10.97 -16.81 2.50
C VAL A 196 10.84 -15.30 2.28
N LYS A 197 11.11 -14.48 3.30
CA LYS A 197 11.07 -13.03 3.11
C LYS A 197 11.97 -12.67 1.94
N THR A 198 13.16 -13.25 1.90
CA THR A 198 14.17 -12.83 0.94
C THR A 198 13.85 -13.29 -0.49
N GLU A 199 13.29 -14.48 -0.67
CA GLU A 199 13.24 -15.08 -2.00
C GLU A 199 11.83 -15.16 -2.53
N VAL A 200 10.82 -14.91 -1.67
CA VAL A 200 9.44 -15.08 -2.06
C VAL A 200 8.66 -13.77 -2.02
N PHE A 201 8.85 -12.96 -0.97
CA PHE A 201 7.92 -11.89 -0.67
C PHE A 201 7.86 -10.88 -1.82
N LYS A 202 9.00 -10.60 -2.46
CA LYS A 202 9.05 -9.56 -3.46
C LYS A 202 8.23 -9.98 -4.68
N GLN A 203 8.51 -11.17 -5.20
CA GLN A 203 7.80 -11.72 -6.35
C GLN A 203 6.38 -12.17 -5.97
N GLY A 204 6.13 -12.48 -4.69
CA GLY A 204 4.80 -12.88 -4.27
C GLY A 204 4.61 -14.40 -4.26
N TYR A 205 5.25 -15.11 -5.22
CA TYR A 205 5.22 -16.56 -5.27
C TYR A 205 6.55 -17.09 -5.77
N LEU A 206 6.83 -18.37 -5.48
CA LEU A 206 8.06 -18.97 -5.98
C LEU A 206 7.84 -20.45 -6.24
N SER A 207 8.10 -20.90 -7.48
CA SER A 207 8.13 -22.31 -7.80
C SER A 207 9.42 -22.92 -7.29
N LEU A 208 9.31 -24.12 -6.70
CA LEU A 208 10.36 -24.64 -5.82
C LEU A 208 10.42 -26.15 -5.95
N SER A 209 11.64 -26.68 -5.88
CA SER A 209 11.88 -28.11 -5.78
C SER A 209 11.51 -28.59 -4.39
N GLN A 210 10.94 -29.80 -4.28
CA GLN A 210 10.53 -30.32 -2.98
C GLN A 210 11.76 -30.56 -2.11
N GLU A 211 12.93 -30.75 -2.75
CA GLU A 211 14.19 -31.07 -2.08
C GLU A 211 14.68 -29.92 -1.20
N VAL A 212 14.32 -28.67 -1.50
CA VAL A 212 14.83 -27.55 -0.72
C VAL A 212 13.79 -27.01 0.27
N LEU A 213 12.60 -27.61 0.30
CA LEU A 213 11.53 -27.20 1.20
C LEU A 213 11.98 -27.04 2.65
N PRO A 214 12.78 -27.96 3.24
CA PRO A 214 13.15 -27.85 4.65
C PRO A 214 13.76 -26.49 5.00
N ASP A 215 14.53 -25.95 4.06
CA ASP A 215 15.23 -24.69 4.25
C ASP A 215 14.28 -23.50 4.35
N TYR A 216 13.01 -23.67 3.97
CA TYR A 216 12.10 -22.55 3.82
C TYR A 216 11.00 -22.59 4.89
N ILE A 217 11.05 -23.56 5.81
CA ILE A 217 9.98 -23.81 6.75
C ILE A 217 10.55 -23.70 8.16
N GLY A 218 9.90 -22.88 9.00
CA GLY A 218 10.30 -22.73 10.38
C GLY A 218 9.30 -23.39 11.33
N ASP A 219 8.48 -22.56 11.98
CA ASP A 219 7.62 -23.05 13.06
C ASP A 219 6.37 -23.71 12.51
N TYR A 220 5.72 -23.07 11.52
CA TYR A 220 4.43 -23.50 11.00
C TYR A 220 4.39 -23.38 9.49
N VAL A 221 3.63 -24.29 8.84
CA VAL A 221 3.43 -24.19 7.42
C VAL A 221 1.95 -24.37 7.08
N VAL A 222 1.44 -23.47 6.22
CA VAL A 222 0.09 -23.56 5.68
C VAL A 222 0.17 -24.07 4.23
N ILE A 223 -0.56 -25.14 3.92
CA ILE A 223 -0.49 -25.77 2.61
C ILE A 223 -1.87 -25.79 1.98
N ALA A 224 -2.00 -25.11 0.86
CA ALA A 224 -3.21 -25.18 0.04
C ALA A 224 -3.04 -26.23 -1.06
N ALA A 225 -4.12 -26.99 -1.27
CA ALA A 225 -4.23 -27.91 -2.40
C ALA A 225 -5.71 -28.12 -2.72
N GLU A 226 -5.98 -28.52 -3.98
CA GLU A 226 -7.35 -28.59 -4.47
C GLU A 226 -8.02 -29.87 -3.97
N ASP A 227 -7.23 -30.88 -3.60
CA ASP A 227 -7.77 -32.11 -3.02
C ASP A 227 -6.73 -32.75 -2.11
N ASP A 228 -7.16 -33.80 -1.38
CA ASP A 228 -6.36 -34.50 -0.40
C ASP A 228 -5.17 -35.22 -1.06
N LYS A 229 -5.40 -35.76 -2.26
CA LYS A 229 -4.49 -36.74 -2.84
C LYS A 229 -3.23 -36.05 -3.38
N THR A 230 -3.37 -34.80 -3.84
CA THR A 230 -2.32 -34.10 -4.58
C THR A 230 -0.95 -34.26 -3.93
N GLY A 231 -0.85 -34.12 -2.60
CA GLY A 231 0.44 -34.07 -1.92
C GLY A 231 0.94 -35.41 -1.35
N SER A 232 0.21 -36.52 -1.58
CA SER A 232 0.44 -37.76 -0.84
C SER A 232 1.92 -38.10 -0.78
N ALA A 233 2.55 -38.22 -1.96
CA ALA A 233 3.95 -38.60 -2.08
C ALA A 233 4.84 -37.70 -1.21
N LEU A 234 4.64 -36.38 -1.31
CA LEU A 234 5.39 -35.43 -0.50
C LEU A 234 5.30 -35.81 0.97
N TYR A 235 4.07 -35.94 1.47
CA TYR A 235 3.83 -36.12 2.90
C TYR A 235 4.43 -37.43 3.37
N GLU A 236 4.42 -38.47 2.52
CA GLU A 236 4.96 -39.78 2.87
C GLU A 236 6.49 -39.78 2.85
N SER A 237 7.10 -38.77 2.23
CA SER A 237 8.53 -38.78 1.94
C SER A 237 9.35 -38.56 3.21
N LYS A 238 10.55 -39.15 3.20
CA LYS A 238 11.48 -39.09 4.31
C LYS A 238 11.83 -37.63 4.62
N LEU A 239 12.22 -36.91 3.57
CA LEU A 239 12.63 -35.52 3.65
C LEU A 239 11.57 -34.67 4.35
N TRP A 240 10.31 -34.78 3.90
CA TRP A 240 9.23 -33.98 4.46
C TRP A 240 9.07 -34.28 5.95
N GLN A 241 9.03 -35.57 6.32
CA GLN A 241 8.77 -35.98 7.69
C GLN A 241 9.97 -35.66 8.58
N SER A 242 11.11 -35.23 8.01
CA SER A 242 12.28 -34.82 8.77
C SER A 242 12.17 -33.36 9.21
N ILE A 243 11.25 -32.61 8.59
CA ILE A 243 11.06 -31.20 8.90
C ILE A 243 10.49 -31.05 10.30
N PRO A 244 11.14 -30.25 11.19
CA PRO A 244 10.63 -29.97 12.53
C PRO A 244 9.15 -29.62 12.65
N ALA A 245 8.69 -28.64 11.85
CA ALA A 245 7.30 -28.24 11.85
C ALA A 245 6.39 -29.44 11.57
N VAL A 246 6.84 -30.31 10.66
CA VAL A 246 6.12 -31.53 10.34
C VAL A 246 6.13 -32.45 11.56
N LYS A 247 7.32 -32.68 12.12
CA LYS A 247 7.47 -33.57 13.27
C LYS A 247 6.60 -33.11 14.44
N LYS A 248 6.34 -31.80 14.53
CA LYS A 248 5.58 -31.25 15.64
C LYS A 248 4.10 -31.11 15.32
N HIS A 249 3.67 -31.61 14.16
CA HIS A 249 2.29 -31.43 13.71
C HIS A 249 1.90 -29.95 13.73
N HIS A 250 2.79 -29.12 13.16
CA HIS A 250 2.51 -27.72 12.92
C HIS A 250 2.24 -27.47 11.44
N VAL A 251 1.66 -28.48 10.76
CA VAL A 251 1.25 -28.35 9.37
C VAL A 251 -0.25 -28.12 9.34
N ILE A 252 -0.69 -27.12 8.55
CA ILE A 252 -2.10 -26.78 8.41
C ILE A 252 -2.47 -26.93 6.94
N LYS A 253 -3.25 -27.96 6.63
CA LYS A 253 -3.65 -28.28 5.27
C LYS A 253 -5.03 -27.66 5.01
N VAL A 254 -5.11 -26.83 3.96
CA VAL A 254 -6.30 -26.05 3.67
C VAL A 254 -6.73 -26.33 2.22
N ASN A 255 -8.02 -26.04 1.95
CA ASN A 255 -8.65 -26.27 0.66
C ASN A 255 -8.42 -25.07 -0.25
N ALA A 256 -7.56 -25.25 -1.25
CA ALA A 256 -7.24 -24.24 -2.25
C ALA A 256 -8.48 -23.70 -2.99
N ASN A 257 -9.52 -24.52 -3.09
CA ASN A 257 -10.71 -24.09 -3.82
C ASN A 257 -11.31 -22.83 -3.19
N VAL A 258 -11.02 -22.59 -1.90
CA VAL A 258 -11.38 -21.33 -1.26
C VAL A 258 -10.11 -20.53 -0.88
N PHE A 259 -9.03 -21.19 -0.48
CA PHE A 259 -7.84 -20.49 0.00
C PHE A 259 -7.06 -19.80 -1.12
N TYR A 260 -7.29 -20.14 -2.39
CA TYR A 260 -6.69 -19.39 -3.49
C TYR A 260 -7.03 -17.90 -3.38
N PHE A 261 -8.17 -17.57 -2.77
CA PHE A 261 -8.81 -16.28 -2.95
C PHE A 261 -8.38 -15.27 -1.90
N THR A 262 -8.65 -13.99 -2.18
CA THR A 262 -8.31 -12.88 -1.28
C THR A 262 -9.50 -11.97 -1.00
N ASP A 263 -10.70 -12.36 -1.45
CA ASP A 263 -11.86 -11.50 -1.34
C ASP A 263 -12.44 -11.62 0.07
N PRO A 264 -13.29 -10.64 0.49
CA PRO A 264 -13.88 -10.65 1.82
C PRO A 264 -14.65 -11.91 2.22
N LEU A 265 -15.44 -12.44 1.27
CA LEU A 265 -16.26 -13.61 1.56
C LEU A 265 -15.36 -14.80 1.83
N SER A 266 -14.39 -15.03 0.93
CA SER A 266 -13.44 -16.10 1.06
C SER A 266 -12.63 -15.93 2.35
N LEU A 267 -12.19 -14.69 2.62
CA LEU A 267 -11.33 -14.42 3.77
C LEU A 267 -12.04 -14.70 5.09
N GLU A 268 -13.35 -14.46 5.14
CA GLU A 268 -14.11 -14.77 6.36
C GLU A 268 -13.96 -16.24 6.71
N TYR A 269 -14.09 -17.12 5.71
CA TYR A 269 -13.94 -18.56 5.93
C TYR A 269 -12.48 -18.85 6.30
N GLN A 270 -11.52 -18.25 5.59
CA GLN A 270 -10.11 -18.51 5.83
C GLN A 270 -9.72 -18.10 7.25
N LEU A 271 -10.19 -16.93 7.68
CA LEU A 271 -9.88 -16.43 9.02
C LEU A 271 -10.29 -17.45 10.07
N GLU A 272 -11.56 -17.87 10.02
CA GLU A 272 -12.09 -18.78 11.03
C GLU A 272 -11.31 -20.08 10.98
N THR A 273 -11.10 -20.60 9.76
CA THR A 273 -10.40 -21.87 9.58
C THR A 273 -8.99 -21.80 10.17
N LEU A 274 -8.25 -20.74 9.87
CA LEU A 274 -6.88 -20.58 10.34
C LEU A 274 -6.84 -20.34 11.85
N ARG A 275 -7.79 -19.57 12.38
CA ARG A 275 -7.88 -19.37 13.81
C ARG A 275 -7.97 -20.72 14.52
N GLU A 276 -8.89 -21.55 14.03
CA GLU A 276 -9.21 -22.82 14.65
C GLU A 276 -8.01 -23.75 14.54
N ALA A 277 -7.35 -23.79 13.38
CA ALA A 277 -6.24 -24.70 13.14
C ALA A 277 -5.05 -24.34 14.02
N ILE A 278 -4.78 -23.02 14.18
CA ILE A 278 -3.67 -22.59 15.02
C ILE A 278 -3.98 -22.88 16.48
N LEU A 279 -5.17 -22.45 16.94
CA LEU A 279 -5.53 -22.63 18.34
C LEU A 279 -5.48 -24.12 18.71
N SER A 280 -5.86 -24.99 17.78
CA SER A 280 -5.91 -26.42 18.07
C SER A 280 -4.54 -27.09 17.93
N SER A 281 -3.51 -26.41 17.38
CA SER A 281 -2.27 -27.11 17.06
C SER A 281 -1.77 -27.88 18.28
N SER B 7 13.21 -5.38 26.42
CA SER B 7 14.34 -4.45 26.14
C SER B 7 14.45 -4.12 24.65
N LEU B 8 14.32 -5.15 23.80
CA LEU B 8 14.54 -5.01 22.36
C LEU B 8 13.21 -4.86 21.62
N SER B 9 13.23 -4.09 20.53
CA SER B 9 12.11 -4.03 19.61
C SER B 9 11.76 -5.44 19.10
N PRO B 10 10.48 -5.74 18.83
CA PRO B 10 10.12 -6.98 18.14
C PRO B 10 10.64 -7.07 16.71
N MET B 11 11.08 -5.95 16.14
CA MET B 11 11.68 -5.90 14.81
C MET B 11 10.83 -6.71 13.83
N PRO B 12 9.57 -6.31 13.60
CA PRO B 12 8.71 -7.06 12.70
C PRO B 12 9.17 -6.87 11.26
N GLN B 13 8.93 -7.90 10.45
CA GLN B 13 9.21 -7.83 9.02
C GLN B 13 8.25 -6.84 8.36
N ILE B 14 8.81 -5.84 7.71
CA ILE B 14 8.05 -4.82 7.02
C ILE B 14 8.71 -4.60 5.68
N ALA B 15 7.92 -4.52 4.62
CA ALA B 15 8.46 -4.17 3.31
C ALA B 15 9.25 -2.86 3.44
N GLY B 16 10.46 -2.87 2.90
CA GLY B 16 11.31 -1.70 2.84
C GLY B 16 12.17 -1.45 4.08
N VAL B 17 11.95 -2.21 5.15
CA VAL B 17 12.64 -2.00 6.41
C VAL B 17 13.74 -3.06 6.55
N THR B 18 14.97 -2.60 6.79
CA THR B 18 16.09 -3.48 7.09
C THR B 18 16.70 -3.06 8.42
N TYR B 19 16.90 -4.07 9.27
CA TYR B 19 17.44 -3.87 10.60
C TYR B 19 18.89 -4.30 10.64
N TYR B 20 19.75 -3.43 11.20
CA TYR B 20 21.13 -3.79 11.51
C TYR B 20 21.32 -3.74 13.02
N GLY B 21 21.66 -4.89 13.60
CA GLY B 21 21.90 -4.99 15.03
C GLY B 21 20.57 -5.09 15.79
N ASP B 22 20.62 -4.81 17.09
CA ASP B 22 19.47 -4.99 17.96
C ASP B 22 18.80 -3.65 18.23
N ILE B 23 17.66 -3.43 17.57
CA ILE B 23 16.92 -2.20 17.73
C ILE B 23 16.39 -2.18 19.16
N PRO B 24 16.64 -1.13 19.95
CA PRO B 24 16.03 -0.99 21.28
C PRO B 24 14.55 -0.62 21.13
N LYS B 25 13.74 -1.21 22.01
CA LYS B 25 12.32 -0.92 22.06
C LYS B 25 12.09 0.57 22.32
N GLN B 26 12.88 1.14 23.24
CA GLN B 26 12.71 2.53 23.65
C GLN B 26 14.07 3.21 23.58
N PRO B 27 14.55 3.53 22.36
CA PRO B 27 15.85 4.20 22.21
C PRO B 27 15.85 5.53 22.95
N LYS B 28 17.00 5.91 23.52
CA LYS B 28 17.09 7.15 24.29
C LYS B 28 17.70 8.30 23.49
N ARG B 29 18.47 7.97 22.46
CA ARG B 29 19.36 8.91 21.78
C ARG B 29 19.41 8.56 20.29
N VAL B 30 18.45 9.10 19.54
CA VAL B 30 18.26 8.73 18.16
C VAL B 30 18.94 9.75 17.24
N VAL B 31 19.63 9.26 16.22
CA VAL B 31 20.14 10.11 15.16
C VAL B 31 19.33 9.79 13.91
N SER B 32 18.63 10.81 13.40
CA SER B 32 17.88 10.70 12.17
C SER B 32 18.73 11.28 11.05
N LEU B 33 19.06 10.42 10.07
CA LEU B 33 19.84 10.83 8.91
C LEU B 33 18.99 10.89 7.64
N ALA B 34 17.69 10.66 7.76
CA ALA B 34 16.74 10.75 6.65
C ALA B 34 15.63 11.72 7.05
N SER B 35 15.60 12.87 6.37
CA SER B 35 14.55 13.85 6.55
C SER B 35 13.17 13.23 6.37
N THR B 36 13.03 12.20 5.53
CA THR B 36 11.74 11.53 5.38
C THR B 36 11.14 11.16 6.73
N TYR B 37 11.96 10.70 7.72
CA TYR B 37 11.44 10.01 8.89
C TYR B 37 11.53 10.86 10.17
N THR B 38 12.31 11.95 10.16
CA THR B 38 12.60 12.68 11.41
C THR B 38 11.31 13.04 12.13
N GLY B 39 10.35 13.58 11.38
CA GLY B 39 9.09 14.03 11.94
C GLY B 39 8.18 12.88 12.41
N TYR B 40 8.32 11.69 11.84
CA TYR B 40 7.62 10.52 12.35
C TYR B 40 8.12 10.15 13.75
N LEU B 41 9.44 10.19 13.90
CA LEU B 41 10.07 9.86 15.15
C LEU B 41 9.71 10.89 16.21
N LYS B 42 9.64 12.17 15.80
CA LYS B 42 9.24 13.24 16.69
C LYS B 42 7.76 13.08 17.08
N LYS B 43 6.90 12.70 16.10
CA LYS B 43 5.51 12.43 16.37
C LYS B 43 5.36 11.35 17.44
N LEU B 44 6.22 10.33 17.44
CA LEU B 44 6.10 9.28 18.44
C LEU B 44 6.97 9.60 19.67
N ASP B 45 7.38 10.86 19.80
CA ASP B 45 8.11 11.35 20.96
C ASP B 45 9.41 10.62 21.22
N MET B 46 10.12 10.23 20.16
CA MET B 46 11.47 9.70 20.32
C MET B 46 12.39 10.89 20.55
N ASN B 47 13.46 10.67 21.34
CA ASN B 47 14.43 11.70 21.68
C ASN B 47 15.51 11.77 20.60
N LEU B 48 15.50 12.84 19.81
CA LEU B 48 16.39 13.02 18.69
C LEU B 48 17.60 13.84 19.15
N VAL B 49 18.81 13.27 19.02
CA VAL B 49 20.03 13.99 19.37
C VAL B 49 20.77 14.43 18.09
N GLY B 50 20.36 13.91 16.93
CA GLY B 50 20.91 14.29 15.64
C GLY B 50 19.84 14.31 14.55
N VAL B 51 19.88 15.35 13.69
CA VAL B 51 18.92 15.55 12.62
C VAL B 51 19.66 16.14 11.42
N THR B 52 18.97 16.26 10.29
CA THR B 52 19.59 16.59 9.01
C THR B 52 19.49 18.08 8.76
N SER B 53 20.26 18.59 7.79
CA SER B 53 20.24 20.00 7.46
C SER B 53 18.86 20.39 6.95
N TYR B 54 18.20 19.52 6.17
CA TYR B 54 16.83 19.76 5.73
C TYR B 54 15.88 19.85 6.92
N ASP B 55 16.11 19.05 7.97
CA ASP B 55 15.24 19.11 9.13
C ASP B 55 15.36 20.49 9.79
N LYS B 56 16.58 21.00 9.92
CA LYS B 56 16.81 22.26 10.60
C LYS B 56 16.22 23.45 9.83
N LYS B 57 16.03 23.30 8.51
CA LYS B 57 15.50 24.34 7.64
C LYS B 57 13.99 24.25 7.47
N ASN B 58 13.38 23.19 8.01
CA ASN B 58 11.93 23.04 8.01
C ASN B 58 11.39 23.78 9.21
N PRO B 59 10.78 24.97 9.04
CA PRO B 59 10.37 25.78 10.19
C PRO B 59 9.42 25.11 11.17
N ILE B 60 8.59 24.17 10.71
CA ILE B 60 7.67 23.42 11.56
C ILE B 60 8.45 22.42 12.42
N LEU B 61 9.30 21.61 11.77
CA LEU B 61 10.03 20.57 12.45
C LEU B 61 11.15 21.15 13.33
N ALA B 62 11.82 22.21 12.86
CA ALA B 62 12.97 22.79 13.54
C ALA B 62 12.63 23.22 14.97
N LYS B 63 11.40 23.72 15.17
CA LYS B 63 10.96 24.14 16.49
C LYS B 63 11.03 22.99 17.51
N THR B 64 10.94 21.73 17.04
CA THR B 64 10.80 20.58 17.92
C THR B 64 12.13 19.87 18.17
N VAL B 65 13.19 20.24 17.43
CA VAL B 65 14.45 19.52 17.51
C VAL B 65 15.59 20.52 17.74
N LYS B 66 15.34 21.59 18.50
CA LYS B 66 16.34 22.65 18.65
C LYS B 66 17.60 22.13 19.32
N LYS B 67 17.45 21.13 20.18
CA LYS B 67 18.56 20.58 20.96
C LYS B 67 19.38 19.59 20.12
N ALA B 68 18.81 19.07 19.02
CA ALA B 68 19.50 18.11 18.17
C ALA B 68 20.63 18.79 17.40
N LYS B 69 21.73 18.06 17.20
CA LYS B 69 22.84 18.54 16.37
C LYS B 69 22.57 18.22 14.90
N GLN B 70 22.85 19.20 14.03
CA GLN B 70 22.79 19.01 12.60
C GLN B 70 23.93 18.09 12.18
N VAL B 71 23.61 16.96 11.50
CA VAL B 71 24.64 16.03 11.07
C VAL B 71 24.32 15.53 9.67
N ALA B 72 25.38 15.21 8.93
CA ALA B 72 25.31 14.47 7.69
C ALA B 72 25.62 13.01 7.97
N ALA B 73 25.13 12.11 7.11
CA ALA B 73 25.41 10.69 7.22
C ALA B 73 26.89 10.36 7.06
N THR B 74 27.69 11.26 6.44
CA THR B 74 29.13 11.04 6.29
C THR B 74 29.90 11.60 7.48
N ASP B 75 29.24 12.30 8.41
CA ASP B 75 29.89 12.82 9.59
C ASP B 75 30.07 11.69 10.62
N LEU B 76 30.90 10.68 10.37
CA LEU B 76 30.95 9.53 11.27
C LEU B 76 31.45 9.89 12.66
N GLU B 77 32.38 10.84 12.76
CA GLU B 77 32.94 11.22 14.05
C GLU B 77 31.93 12.02 14.86
N ALA B 78 31.19 12.91 14.19
CA ALA B 78 30.14 13.64 14.86
C ALA B 78 29.07 12.67 15.37
N ILE B 79 28.71 11.68 14.53
CA ILE B 79 27.65 10.74 14.89
C ILE B 79 28.11 9.89 16.08
N THR B 80 29.36 9.40 16.02
CA THR B 80 29.94 8.65 17.13
C THR B 80 29.90 9.48 18.41
N THR B 81 30.25 10.77 18.31
CA THR B 81 30.30 11.63 19.50
C THR B 81 28.91 11.76 20.13
N LEU B 82 27.84 11.75 19.31
CA LEU B 82 26.49 11.84 19.84
C LEU B 82 26.09 10.62 20.67
N LYS B 83 26.88 9.55 20.66
CA LYS B 83 26.53 8.34 21.40
C LYS B 83 25.07 7.94 21.14
N PRO B 84 24.63 7.71 19.88
CA PRO B 84 23.28 7.22 19.61
C PRO B 84 23.11 5.79 20.11
N ASP B 85 21.87 5.41 20.48
CA ASP B 85 21.50 4.01 20.63
C ASP B 85 20.62 3.57 19.46
N LEU B 86 20.34 4.48 18.52
CA LEU B 86 19.67 4.12 17.27
C LEU B 86 19.99 5.14 16.19
N ILE B 87 20.28 4.64 14.97
CA ILE B 87 20.40 5.48 13.78
C ILE B 87 19.29 5.08 12.80
N VAL B 88 18.58 6.08 12.24
CA VAL B 88 17.60 5.85 11.18
C VAL B 88 18.08 6.49 9.88
N VAL B 89 18.09 5.69 8.80
CA VAL B 89 18.67 6.08 7.53
C VAL B 89 17.76 5.67 6.38
N GLY B 90 17.93 6.37 5.26
CA GLY B 90 17.39 5.93 3.98
C GLY B 90 18.31 4.88 3.40
N SER B 91 17.72 3.91 2.68
CA SER B 91 18.44 2.78 2.11
C SER B 91 19.45 3.19 1.06
N THR B 92 19.36 4.39 0.44
CA THR B 92 20.32 4.73 -0.59
C THR B 92 21.62 5.30 -0.01
N GLU B 93 21.66 5.56 1.30
CA GLU B 93 22.88 6.03 1.93
C GLU B 93 24.04 5.07 1.65
N GLU B 94 25.23 5.65 1.41
CA GLU B 94 26.36 4.96 0.85
C GLU B 94 27.14 4.22 1.95
N ASN B 95 26.96 4.57 3.23
CA ASN B 95 27.87 4.10 4.28
C ASN B 95 27.13 3.36 5.40
N ILE B 96 26.08 2.62 5.06
CA ILE B 96 25.22 2.02 6.08
C ILE B 96 26.02 1.04 6.91
N LYS B 97 26.97 0.32 6.30
CA LYS B 97 27.84 -0.63 7.00
C LYS B 97 28.61 0.06 8.12
N GLN B 98 29.14 1.27 7.84
CA GLN B 98 29.95 2.01 8.81
C GLN B 98 29.06 2.59 9.91
N LEU B 99 27.87 3.05 9.55
CA LEU B 99 26.90 3.52 10.54
C LEU B 99 26.51 2.39 11.50
N ALA B 100 26.43 1.14 10.99
CA ALA B 100 25.94 0.05 11.81
C ALA B 100 27.01 -0.33 12.85
N GLU B 101 28.26 0.10 12.62
CA GLU B 101 29.34 -0.08 13.59
C GLU B 101 29.22 0.89 14.76
N ILE B 102 28.53 2.02 14.56
CA ILE B 102 28.34 3.03 15.58
C ILE B 102 27.16 2.65 16.47
N ALA B 103 26.03 2.26 15.89
CA ALA B 103 24.87 1.89 16.66
C ALA B 103 23.91 1.10 15.78
N PRO B 104 22.88 0.46 16.37
CA PRO B 104 21.86 -0.23 15.58
C PRO B 104 21.26 0.75 14.58
N VAL B 105 20.89 0.24 13.40
CA VAL B 105 20.35 1.03 12.31
C VAL B 105 19.00 0.47 11.87
N ILE B 106 18.06 1.38 11.60
CA ILE B 106 16.91 1.06 10.78
C ILE B 106 17.13 1.74 9.43
N SER B 107 17.18 0.92 8.38
CA SER B 107 17.34 1.41 7.02
C SER B 107 16.01 1.28 6.28
N ILE B 108 15.49 2.38 5.73
CA ILE B 108 14.20 2.31 5.07
C ILE B 108 14.31 2.65 3.58
N GLU B 109 13.71 1.77 2.77
CA GLU B 109 13.69 1.92 1.34
C GLU B 109 12.40 2.65 1.01
N TYR B 110 12.56 3.83 0.38
CA TYR B 110 11.52 4.82 0.25
C TYR B 110 10.35 4.22 -0.52
N ARG B 111 9.13 4.51 -0.06
CA ARG B 111 7.93 4.32 -0.85
C ARG B 111 7.42 2.88 -0.84
N LYS B 112 8.14 1.96 -0.18
CA LYS B 112 7.67 0.59 -0.08
C LYS B 112 6.41 0.51 0.81
N ARG B 113 6.30 1.44 1.76
CA ARG B 113 5.13 1.67 2.59
C ARG B 113 4.70 3.12 2.45
N ASP B 114 3.40 3.39 2.52
CA ASP B 114 2.86 4.71 2.21
C ASP B 114 3.03 5.62 3.43
N TYR B 115 2.67 6.90 3.27
CA TYR B 115 3.05 7.94 4.21
C TYR B 115 2.34 7.74 5.55
N LEU B 116 1.19 7.04 5.53
CA LEU B 116 0.43 6.69 6.72
C LEU B 116 1.02 5.44 7.36
N GLN B 117 1.23 4.43 6.54
CA GLN B 117 1.76 3.14 6.99
C GLN B 117 3.08 3.31 7.74
N VAL B 118 3.93 4.22 7.26
CA VAL B 118 5.24 4.44 7.85
C VAL B 118 5.08 4.77 9.34
N LEU B 119 4.00 5.48 9.71
CA LEU B 119 3.77 5.83 11.11
C LEU B 119 3.40 4.60 11.92
N SER B 120 2.41 3.80 11.47
CA SER B 120 2.01 2.63 12.23
C SER B 120 3.14 1.62 12.29
N ASP B 121 3.96 1.55 11.24
CA ASP B 121 5.14 0.69 11.21
C ASP B 121 6.12 1.03 12.33
N PHE B 122 6.48 2.32 12.48
CA PHE B 122 7.27 2.77 13.62
C PHE B 122 6.55 2.46 14.93
N GLY B 123 5.22 2.62 14.96
CA GLY B 123 4.45 2.29 16.16
C GLY B 123 4.68 0.84 16.59
N ARG B 124 4.78 -0.07 15.62
CA ARG B 124 5.01 -1.48 15.92
C ARG B 124 6.45 -1.72 16.33
N ILE B 125 7.40 -1.04 15.67
CA ILE B 125 8.81 -1.21 15.98
C ILE B 125 9.09 -0.78 17.43
N PHE B 126 8.48 0.34 17.85
CA PHE B 126 8.78 0.94 19.15
C PHE B 126 7.70 0.68 20.20
N ASN B 127 6.70 -0.16 19.92
CA ASN B 127 5.65 -0.45 20.88
C ASN B 127 4.87 0.83 21.24
N LYS B 128 4.52 1.63 20.21
CA LYS B 128 3.74 2.86 20.36
C LYS B 128 2.57 2.84 19.39
N GLU B 129 1.89 1.70 19.29
CA GLU B 129 0.82 1.55 18.33
C GLU B 129 -0.30 2.55 18.62
N GLY B 130 -0.64 2.71 19.91
CA GLY B 130 -1.67 3.63 20.35
C GLY B 130 -1.43 5.08 19.89
N LYS B 131 -0.21 5.58 20.05
CA LYS B 131 0.15 6.91 19.57
C LYS B 131 -0.10 7.04 18.08
N ALA B 132 0.33 6.05 17.31
CA ALA B 132 0.18 6.09 15.86
C ALA B 132 -1.29 6.03 15.48
N LYS B 133 -2.05 5.17 16.18
CA LYS B 133 -3.42 4.86 15.81
C LYS B 133 -4.29 6.11 15.96
N LYS B 134 -4.02 6.91 16.99
CA LYS B 134 -4.83 8.08 17.27
C LYS B 134 -4.62 9.12 16.17
N TRP B 135 -3.35 9.39 15.86
CA TRP B 135 -3.05 10.34 14.81
C TRP B 135 -3.64 9.91 13.47
N LEU B 136 -3.53 8.63 13.13
CA LEU B 136 -4.07 8.12 11.89
C LEU B 136 -5.60 8.24 11.84
N LYS B 137 -6.27 7.95 12.96
CA LYS B 137 -7.72 8.11 13.00
C LYS B 137 -8.12 9.58 12.84
N ASP B 138 -7.44 10.48 13.57
CA ASP B 138 -7.75 11.89 13.52
C ASP B 138 -7.55 12.42 12.11
N TRP B 139 -6.47 11.94 11.47
CA TRP B 139 -6.10 12.36 10.14
C TRP B 139 -7.18 12.04 9.13
N LYS B 140 -7.67 10.80 9.19
CA LYS B 140 -8.67 10.32 8.25
C LYS B 140 -9.93 11.17 8.39
N THR B 141 -10.34 11.46 9.64
CA THR B 141 -11.50 12.29 9.88
C THR B 141 -11.30 13.70 9.29
N LYS B 142 -10.18 14.34 9.63
CA LYS B 142 -9.94 15.73 9.25
C LYS B 142 -9.80 15.86 7.74
N THR B 143 -9.08 14.92 7.08
CA THR B 143 -8.93 15.00 5.64
C THR B 143 -10.25 14.75 4.91
N ALA B 144 -11.10 13.83 5.43
CA ALA B 144 -12.39 13.62 4.79
C ALA B 144 -13.25 14.90 4.82
N ALA B 145 -13.21 15.64 5.94
CA ALA B 145 -13.98 16.87 6.07
C ALA B 145 -13.43 17.94 5.12
N TYR B 146 -12.12 18.08 5.09
CA TYR B 146 -11.43 19.08 4.28
C TYR B 146 -11.65 18.79 2.80
N GLU B 147 -11.61 17.52 2.42
CA GLU B 147 -11.83 17.15 1.03
C GLU B 147 -13.17 17.70 0.55
N LYS B 148 -14.21 17.53 1.39
CA LYS B 148 -15.53 18.02 1.02
C LYS B 148 -15.49 19.53 0.80
N GLU B 149 -14.80 20.27 1.67
CA GLU B 149 -14.79 21.73 1.60
C GLU B 149 -14.06 22.22 0.34
N VAL B 150 -12.89 21.64 0.05
CA VAL B 150 -12.10 22.09 -1.09
C VAL B 150 -12.75 21.67 -2.40
N LYS B 151 -13.40 20.49 -2.41
CA LYS B 151 -14.11 20.03 -3.61
C LYS B 151 -15.39 20.84 -3.85
N ALA B 152 -16.02 21.34 -2.80
CA ALA B 152 -17.15 22.25 -2.94
C ALA B 152 -16.74 23.53 -3.69
N VAL B 153 -15.48 23.93 -3.61
CA VAL B 153 -15.01 25.09 -4.36
C VAL B 153 -14.59 24.68 -5.77
N THR B 154 -13.77 23.64 -5.89
CA THR B 154 -13.14 23.33 -7.17
C THR B 154 -14.06 22.51 -8.08
N GLY B 155 -15.07 21.84 -7.52
CA GLY B 155 -15.75 20.74 -8.20
C GLY B 155 -14.96 19.45 -8.03
N ASP B 156 -15.62 18.29 -8.23
CA ASP B 156 -15.05 17.00 -7.91
C ASP B 156 -14.10 16.50 -9.00
N LYS B 157 -14.19 17.05 -10.21
CA LYS B 157 -13.39 16.54 -11.32
C LYS B 157 -12.21 17.47 -11.63
N ALA B 158 -11.96 18.45 -10.77
CA ALA B 158 -10.84 19.36 -10.98
C ALA B 158 -9.53 18.57 -10.97
N THR B 159 -8.64 18.87 -11.91
CA THR B 159 -7.33 18.24 -11.92
C THR B 159 -6.30 19.11 -11.20
N PHE B 160 -5.38 18.46 -10.49
CA PHE B 160 -4.23 19.11 -9.88
C PHE B 160 -2.93 18.48 -10.37
N THR B 161 -1.89 19.33 -10.49
CA THR B 161 -0.52 18.89 -10.73
C THR B 161 0.38 19.45 -9.63
N ILE B 162 1.20 18.56 -9.08
CA ILE B 162 2.27 18.90 -8.15
C ILE B 162 3.56 19.14 -8.92
N MET B 163 4.15 20.32 -8.70
CA MET B 163 5.41 20.60 -9.36
C MET B 163 6.35 21.26 -8.35
N GLY B 164 7.63 21.20 -8.69
CA GLY B 164 8.64 21.83 -7.87
C GLY B 164 9.72 22.46 -8.73
N LEU B 165 10.29 23.54 -8.19
CA LEU B 165 11.45 24.20 -8.74
C LEU B 165 12.62 23.99 -7.80
N TYR B 166 13.72 23.50 -8.34
CA TYR B 166 14.91 23.24 -7.55
C TYR B 166 16.11 23.64 -8.38
N GLU B 167 16.81 24.71 -7.95
CA GLU B 167 17.89 25.30 -8.72
C GLU B 167 17.30 25.74 -10.05
N LYS B 168 17.93 25.37 -11.17
CA LYS B 168 17.45 25.85 -12.46
C LYS B 168 16.40 24.91 -13.08
N ASP B 169 15.88 23.94 -12.31
CA ASP B 169 15.22 22.77 -12.88
C ASP B 169 13.79 22.66 -12.41
N VAL B 170 12.97 22.02 -13.27
CA VAL B 170 11.55 21.81 -13.03
C VAL B 170 11.28 20.32 -12.84
N TYR B 171 10.47 19.99 -11.83
CA TYR B 171 10.00 18.64 -11.62
C TYR B 171 8.49 18.60 -11.48
N LEU B 172 7.91 17.48 -11.91
CA LEU B 172 6.57 17.07 -11.52
C LEU B 172 6.68 15.93 -10.51
N PHE B 173 5.69 15.89 -9.60
CA PHE B 173 5.61 14.85 -8.60
C PHE B 173 4.26 14.17 -8.70
N GLY B 174 4.23 12.92 -8.22
CA GLY B 174 3.01 12.14 -8.12
C GLY B 174 2.33 12.26 -6.76
N LYS B 175 1.78 11.12 -6.33
CA LYS B 175 0.93 11.04 -5.14
C LYS B 175 1.80 10.86 -3.89
N ASP B 176 3.07 10.46 -4.07
CA ASP B 176 3.78 9.94 -2.93
C ASP B 176 5.27 10.33 -2.92
N TRP B 177 5.58 11.55 -3.41
CA TRP B 177 6.96 12.06 -3.39
C TRP B 177 7.03 13.46 -2.77
N GLY B 178 6.12 13.75 -1.82
CA GLY B 178 6.13 15.02 -1.15
C GLY B 178 5.61 16.14 -2.06
N ARG B 179 5.93 17.37 -1.66
CA ARG B 179 5.59 18.60 -2.36
C ARG B 179 4.07 18.84 -2.39
N GLY B 180 3.34 18.17 -1.48
CA GLY B 180 1.90 18.33 -1.36
C GLY B 180 1.09 17.24 -2.07
N GLY B 181 1.75 16.27 -2.74
CA GLY B 181 1.04 15.22 -3.45
C GLY B 181 0.20 14.32 -2.54
N GLU B 182 0.74 14.01 -1.36
CA GLU B 182 0.01 13.16 -0.43
C GLU B 182 -1.31 13.86 -0.07
N ILE B 183 -1.25 15.17 0.21
CA ILE B 183 -2.46 15.90 0.62
C ILE B 183 -3.44 15.96 -0.55
N ILE B 184 -2.93 16.35 -1.73
CA ILE B 184 -3.77 16.63 -2.89
C ILE B 184 -4.35 15.33 -3.47
N HIS B 185 -3.47 14.32 -3.65
CA HIS B 185 -3.86 13.15 -4.43
C HIS B 185 -4.37 12.03 -3.51
N GLN B 186 -3.83 11.91 -2.29
CA GLN B 186 -4.27 10.84 -1.40
C GLN B 186 -5.33 11.38 -0.44
N ALA B 187 -5.04 12.47 0.27
CA ALA B 187 -5.94 12.91 1.32
C ALA B 187 -7.22 13.55 0.76
N PHE B 188 -7.08 14.37 -0.31
CA PHE B 188 -8.22 15.02 -0.96
C PHE B 188 -8.73 14.26 -2.19
N HIS B 189 -8.05 13.18 -2.57
CA HIS B 189 -8.44 12.38 -3.74
C HIS B 189 -8.70 13.24 -4.97
N TYR B 190 -7.82 14.21 -5.24
CA TYR B 190 -7.86 14.91 -6.51
C TYR B 190 -7.22 14.07 -7.62
N ASP B 191 -7.87 14.03 -8.80
CA ASP B 191 -7.27 13.51 -10.02
C ASP B 191 -6.12 14.42 -10.47
N ALA B 192 -5.18 13.85 -11.22
CA ALA B 192 -4.23 14.65 -11.98
C ALA B 192 -4.62 14.59 -13.44
N PRO B 193 -4.08 15.49 -14.29
CA PRO B 193 -4.20 15.34 -15.74
C PRO B 193 -3.70 13.97 -16.17
N GLU B 194 -4.27 13.51 -17.29
CA GLU B 194 -3.92 12.23 -17.89
C GLU B 194 -2.39 12.06 -17.99
N LYS B 195 -1.69 13.05 -18.53
CA LYS B 195 -0.27 12.90 -18.81
C LYS B 195 0.53 12.77 -17.51
N VAL B 196 0.03 13.36 -16.41
CA VAL B 196 0.70 13.27 -15.12
C VAL B 196 0.51 11.86 -14.57
N LYS B 197 -0.72 11.37 -14.65
CA LYS B 197 -1.05 10.05 -14.16
C LYS B 197 -0.16 9.02 -14.86
N THR B 198 -0.08 9.09 -16.19
CA THR B 198 0.58 8.04 -16.95
C THR B 198 2.10 8.19 -16.92
N GLU B 199 2.64 9.42 -16.85
CA GLU B 199 4.08 9.63 -16.94
C GLU B 199 4.73 9.96 -15.61
N VAL B 200 3.98 10.31 -14.56
CA VAL B 200 4.62 10.69 -13.31
C VAL B 200 4.30 9.74 -12.16
N PHE B 201 3.05 9.27 -12.08
CA PHE B 201 2.55 8.63 -10.87
C PHE B 201 3.38 7.40 -10.54
N LYS B 202 3.59 6.57 -11.55
CA LYS B 202 4.25 5.30 -11.34
C LYS B 202 5.67 5.54 -10.83
N GLN B 203 6.39 6.48 -11.43
CA GLN B 203 7.79 6.61 -11.12
C GLN B 203 8.00 7.60 -9.97
N GLY B 204 6.98 8.41 -9.66
CA GLY B 204 6.97 9.21 -8.44
C GLY B 204 7.39 10.66 -8.69
N TYR B 205 8.29 10.87 -9.65
CA TYR B 205 8.67 12.22 -10.01
C TYR B 205 9.23 12.18 -11.42
N LEU B 206 9.28 13.35 -12.06
CA LEU B 206 9.77 13.45 -13.43
C LEU B 206 10.39 14.84 -13.62
N SER B 207 11.68 14.82 -14.00
CA SER B 207 12.40 15.98 -14.47
C SER B 207 11.91 16.31 -15.88
N LEU B 208 11.73 17.60 -16.14
CA LEU B 208 10.97 18.05 -17.30
C LEU B 208 11.47 19.42 -17.74
N SER B 209 11.32 19.70 -19.04
CA SER B 209 11.64 21.01 -19.58
C SER B 209 10.45 21.95 -19.43
N GLN B 210 10.72 23.25 -19.33
CA GLN B 210 9.66 24.24 -19.15
C GLN B 210 8.68 24.19 -20.32
N GLU B 211 9.27 23.96 -21.51
CA GLU B 211 8.61 23.88 -22.80
C GLU B 211 7.34 23.02 -22.80
N VAL B 212 7.38 21.87 -22.14
CA VAL B 212 6.29 20.89 -22.19
C VAL B 212 5.31 21.07 -21.03
N LEU B 213 5.55 22.01 -20.11
CA LEU B 213 4.73 22.12 -18.91
C LEU B 213 3.25 22.25 -19.25
N PRO B 214 2.82 23.05 -20.26
CA PRO B 214 1.39 23.21 -20.55
C PRO B 214 0.65 21.88 -20.72
N ASP B 215 1.36 20.86 -21.18
CA ASP B 215 0.74 19.57 -21.48
C ASP B 215 0.45 18.78 -20.20
N TYR B 216 1.02 19.21 -19.04
CA TYR B 216 0.92 18.47 -17.80
C TYR B 216 0.11 19.24 -16.75
N ILE B 217 -0.54 20.32 -17.15
CA ILE B 217 -1.28 21.12 -16.18
C ILE B 217 -2.71 21.29 -16.69
N GLY B 218 -3.66 21.03 -15.80
CA GLY B 218 -5.07 21.19 -16.09
C GLY B 218 -5.64 22.36 -15.29
N ASP B 219 -6.44 22.04 -14.27
CA ASP B 219 -7.20 23.06 -13.56
C ASP B 219 -6.34 23.81 -12.55
N TYR B 220 -5.54 23.07 -11.75
CA TYR B 220 -4.75 23.69 -10.70
C TYR B 220 -3.32 23.16 -10.71
N VAL B 221 -2.41 24.00 -10.20
CA VAL B 221 -1.03 23.61 -10.02
C VAL B 221 -0.52 24.08 -8.66
N VAL B 222 0.10 23.15 -7.92
CA VAL B 222 0.80 23.43 -6.69
C VAL B 222 2.29 23.43 -7.01
N ILE B 223 3.00 24.52 -6.67
CA ILE B 223 4.42 24.68 -6.97
C ILE B 223 5.17 24.84 -5.66
N ALA B 224 5.98 23.85 -5.31
CA ALA B 224 6.92 23.93 -4.19
C ALA B 224 8.23 24.57 -4.65
N ALA B 225 8.69 25.60 -3.90
CA ALA B 225 9.99 26.21 -4.12
C ALA B 225 10.56 26.66 -2.78
N GLU B 226 11.89 26.75 -2.70
CA GLU B 226 12.52 27.26 -1.50
C GLU B 226 12.14 28.73 -1.38
N ASP B 227 11.82 29.19 -0.15
CA ASP B 227 11.23 30.52 0.11
C ASP B 227 12.19 31.67 -0.25
N ASP B 228 13.47 31.35 -0.47
CA ASP B 228 14.50 32.34 -0.79
C ASP B 228 14.70 32.42 -2.30
N LYS B 229 13.95 31.61 -3.04
CA LYS B 229 14.10 31.52 -4.49
C LYS B 229 12.83 32.11 -5.11
N THR B 230 12.98 33.29 -5.71
CA THR B 230 12.19 33.73 -6.82
C THR B 230 12.43 32.70 -7.94
N GLY B 231 11.34 32.18 -8.51
CA GLY B 231 11.36 31.50 -9.80
C GLY B 231 10.88 32.45 -10.89
N SER B 232 11.42 33.67 -10.86
CA SER B 232 10.94 34.78 -11.67
C SER B 232 10.99 34.47 -13.16
N ALA B 233 12.06 33.78 -13.59
CA ALA B 233 12.30 33.51 -15.01
C ALA B 233 11.13 32.70 -15.58
N LEU B 234 10.75 31.63 -14.88
CA LEU B 234 9.57 30.86 -15.26
C LEU B 234 8.31 31.74 -15.29
N TYR B 235 8.03 32.42 -14.17
CA TYR B 235 6.77 33.13 -14.03
C TYR B 235 6.63 34.28 -15.01
N GLU B 236 7.74 34.91 -15.44
CA GLU B 236 7.67 36.00 -16.39
C GLU B 236 7.52 35.52 -17.84
N SER B 237 7.83 34.25 -18.16
CA SER B 237 7.84 33.76 -19.54
C SER B 237 6.45 33.75 -20.16
N LYS B 238 6.39 34.00 -21.47
CA LYS B 238 5.15 33.94 -22.24
C LYS B 238 4.51 32.55 -22.12
N LEU B 239 5.34 31.51 -22.15
CA LEU B 239 4.84 30.14 -22.12
C LEU B 239 4.05 29.87 -20.85
N TRP B 240 4.67 30.19 -19.71
CA TRP B 240 4.00 30.00 -18.44
C TRP B 240 2.68 30.78 -18.39
N GLN B 241 2.71 32.02 -18.87
CA GLN B 241 1.56 32.91 -18.75
C GLN B 241 0.44 32.52 -19.72
N SER B 242 0.75 31.68 -20.72
CA SER B 242 -0.21 31.17 -21.66
C SER B 242 -1.00 29.98 -21.08
N ILE B 243 -0.55 29.41 -19.95
CA ILE B 243 -1.20 28.25 -19.37
C ILE B 243 -2.55 28.68 -18.77
N PRO B 244 -3.68 28.02 -19.14
CA PRO B 244 -4.97 28.37 -18.54
C PRO B 244 -5.03 28.42 -17.01
N ALA B 245 -4.47 27.42 -16.33
CA ALA B 245 -4.41 27.44 -14.87
C ALA B 245 -3.75 28.73 -14.35
N VAL B 246 -2.70 29.17 -15.04
CA VAL B 246 -2.03 30.41 -14.67
C VAL B 246 -2.95 31.60 -14.94
N LYS B 247 -3.57 31.66 -16.12
CA LYS B 247 -4.46 32.77 -16.47
C LYS B 247 -5.62 32.89 -15.48
N LYS B 248 -6.08 31.77 -14.93
CA LYS B 248 -7.23 31.77 -14.04
C LYS B 248 -6.80 31.91 -12.58
N HIS B 249 -5.50 32.13 -12.33
CA HIS B 249 -5.03 32.31 -10.96
C HIS B 249 -5.29 31.06 -10.11
N HIS B 250 -5.04 29.90 -10.72
CA HIS B 250 -5.18 28.63 -10.05
C HIS B 250 -3.81 28.03 -9.77
N VAL B 251 -2.85 28.91 -9.45
CA VAL B 251 -1.50 28.48 -9.07
C VAL B 251 -1.38 28.65 -7.57
N ILE B 252 -0.92 27.59 -6.88
CA ILE B 252 -0.71 27.63 -5.45
C ILE B 252 0.77 27.47 -5.17
N LYS B 253 1.43 28.54 -4.72
CA LYS B 253 2.86 28.56 -4.47
C LYS B 253 3.15 28.26 -3.00
N VAL B 254 3.95 27.21 -2.75
CA VAL B 254 4.20 26.76 -1.39
C VAL B 254 5.70 26.72 -1.09
N ASN B 255 6.00 26.71 0.22
CA ASN B 255 7.38 26.78 0.71
C ASN B 255 7.93 25.37 0.79
N ALA B 256 8.91 25.05 -0.08
CA ALA B 256 9.47 23.71 -0.14
C ALA B 256 10.17 23.35 1.18
N ASN B 257 10.62 24.36 1.93
CA ASN B 257 11.36 24.09 3.15
C ASN B 257 10.51 23.24 4.11
N VAL B 258 9.18 23.33 4.03
CA VAL B 258 8.33 22.37 4.72
C VAL B 258 7.64 21.43 3.71
N PHE B 259 7.33 21.88 2.49
CA PHE B 259 6.54 21.05 1.59
C PHE B 259 7.33 19.91 0.96
N TYR B 260 8.66 19.89 1.09
CA TYR B 260 9.43 18.72 0.65
C TYR B 260 9.00 17.45 1.37
N PHE B 261 8.46 17.62 2.59
CA PHE B 261 8.36 16.55 3.58
C PHE B 261 7.05 15.78 3.49
N THR B 262 7.05 14.62 4.16
CA THR B 262 5.91 13.71 4.14
C THR B 262 5.54 13.24 5.54
N ASP B 263 6.16 13.79 6.58
CA ASP B 263 5.98 13.30 7.94
C ASP B 263 4.73 13.92 8.55
N PRO B 264 4.17 13.35 9.63
CA PRO B 264 2.96 13.88 10.26
C PRO B 264 3.00 15.36 10.66
N LEU B 265 4.12 15.84 11.21
CA LEU B 265 4.19 17.23 11.66
C LEU B 265 4.17 18.19 10.47
N SER B 266 4.99 17.91 9.44
CA SER B 266 5.03 18.72 8.24
C SER B 266 3.66 18.70 7.53
N LEU B 267 3.06 17.50 7.49
CA LEU B 267 1.81 17.32 6.77
C LEU B 267 0.67 18.08 7.44
N GLU B 268 0.69 18.23 8.76
CA GLU B 268 -0.34 18.98 9.48
C GLU B 268 -0.39 20.41 8.96
N TYR B 269 0.79 21.02 8.81
CA TYR B 269 0.88 22.39 8.28
C TYR B 269 0.47 22.44 6.81
N GLN B 270 0.91 21.46 6.02
CA GLN B 270 0.60 21.42 4.59
C GLN B 270 -0.91 21.34 4.38
N LEU B 271 -1.56 20.49 5.17
CA LEU B 271 -3.01 20.32 5.12
C LEU B 271 -3.71 21.66 5.32
N GLU B 272 -3.38 22.39 6.39
CA GLU B 272 -4.04 23.67 6.64
C GLU B 272 -3.70 24.66 5.52
N THR B 273 -2.45 24.69 5.07
CA THR B 273 -2.03 25.64 4.02
C THR B 273 -2.80 25.38 2.71
N LEU B 274 -2.89 24.12 2.30
CA LEU B 274 -3.55 23.78 1.03
C LEU B 274 -5.06 23.98 1.10
N ARG B 275 -5.68 23.57 2.20
CA ARG B 275 -7.09 23.85 2.41
C ARG B 275 -7.35 25.34 2.18
N GLU B 276 -6.61 26.19 2.90
CA GLU B 276 -6.80 27.64 2.87
C GLU B 276 -6.52 28.19 1.47
N ALA B 277 -5.53 27.63 0.76
CA ALA B 277 -5.18 28.17 -0.54
C ALA B 277 -6.26 27.84 -1.56
N ILE B 278 -6.79 26.61 -1.50
CA ILE B 278 -7.83 26.19 -2.43
C ILE B 278 -9.10 27.01 -2.15
N LEU B 279 -9.49 27.08 -0.87
CA LEU B 279 -10.70 27.78 -0.49
C LEU B 279 -10.69 29.24 -0.94
N SER B 280 -9.51 29.87 -1.00
CA SER B 280 -9.48 31.28 -1.38
C SER B 280 -9.16 31.49 -2.85
N SER B 281 -9.16 30.42 -3.67
CA SER B 281 -8.76 30.51 -5.07
C SER B 281 -9.86 31.12 -5.96
CBA 6L0 C . -4.71 -20.88 -9.02
CAX 6L0 C . -3.89 -21.92 -9.83
CBJ 6L0 C . -2.43 -21.99 -9.39
OAC 6L0 C . -2.17 -22.03 -8.24
NBG 6L0 C . -1.37 -22.00 -10.39
CAU 6L0 C . 0.04 -22.10 -9.98
CAO 6L0 C . 0.87 -20.82 -10.30
CAL 6L0 C . 0.71 -19.78 -9.19
CAR 6L0 C . 1.61 -18.54 -9.28
CBC 6L0 C . 1.21 -17.39 -10.23
NBO 6L0 C . -0.22 -17.29 -10.40
OAH 6L0 C . -1.10 -17.08 -9.31
CBL 6L0 C . -0.85 -17.47 -11.69
OAE 6L0 C . -2.02 -17.40 -11.66
CAZ 6L0 C . -0.16 -17.77 -13.03
CAW 6L0 C . 0.39 -16.50 -13.66
OAA 6L0 C . -1.77 -15.74 -14.22
CBH 6L0 C . -0.69 -15.45 -13.81
NBE 6L0 C . -0.43 -14.09 -13.45
CAS 6L0 C . -1.49 -13.10 -13.60
CAM 6L0 C . -1.49 -12.06 -12.47
CAJ 6L0 C . -1.85 -12.67 -11.11
CAP 6L0 C . -3.30 -12.41 -10.70
CBB 6L0 C . -3.56 -12.89 -9.27
NBN 6L0 C . -3.40 -14.32 -9.17
OAG 6L0 C . -3.37 -15.09 -10.33
CBK 6L0 C . -3.23 -14.96 -7.89
OAD 6L0 C . -3.08 -16.14 -7.82
CAY 6L0 C . -3.24 -14.15 -6.59
CAV 6L0 C . -4.44 -14.51 -5.72
CBI 6L0 C . -5.75 -14.43 -6.50
OAB 6L0 C . -5.88 -13.65 -7.41
NBF 6L0 C . -6.77 -15.37 -6.11
CAT 6L0 C . -8.07 -15.46 -6.75
CAN 6L0 C . -8.28 -16.93 -7.21
CAK 6L0 C . -7.24 -17.32 -8.26
CAQ 6L0 C . -7.53 -18.60 -9.01
CBD 6L0 C . -6.65 -18.79 -10.26
NBP 6L0 C . -5.24 -18.49 -10.02
CBM 6L0 C . -4.30 -19.44 -9.42
OAF 6L0 C . -3.18 -19.11 -9.22
OAI 6L0 C . -4.75 -17.23 -10.34
FE FE D . -2.95 -17.03 -9.78
CL CL E . -9.96 -25.44 4.42
CBA 6L0 F . 14.82 18.06 -1.85
CAX 6L0 F . 15.68 18.55 -3.01
CBJ 6L0 F . 15.07 18.43 -4.37
OAC 6L0 F . 13.98 18.79 -4.59
NBG 6L0 F . 15.90 17.90 -5.40
CAU 6L0 F . 15.37 17.73 -6.75
CAO 6L0 F . 15.29 16.24 -7.10
CAL 6L0 F . 14.07 15.60 -6.51
CAR 6L0 F . 13.70 14.19 -7.01
CBC 6L0 F . 14.49 13.02 -6.41
NBO 6L0 F . 14.75 13.17 -4.99
OAH 6L0 F . 13.68 13.39 -4.10
CBL 6L0 F . 16.08 13.12 -4.45
OAE 6L0 F . 16.18 13.31 -3.28
CAZ 6L0 F . 17.33 12.88 -5.30
CAW 6L0 F . 17.35 11.42 -5.77
OAA 6L0 F . 18.05 10.64 -3.70
CBH 6L0 F . 17.39 10.44 -4.63
NBE 6L0 F . 16.60 9.24 -4.59
CAS 6L0 F . 16.71 8.39 -3.43
CAM 6L0 F . 15.31 7.99 -2.95
CAJ 6L0 F . 14.39 9.17 -2.60
CAP 6L0 F . 14.01 9.21 -1.11
CBB 6L0 F . 12.87 10.15 -0.74
NBN 6L0 F . 13.11 11.52 -1.24
OAG 6L0 F . 14.39 11.94 -1.54
CBK 6L0 F . 12.04 12.44 -1.44
OAD 6L0 F . 12.30 13.53 -1.87
CAY 6L0 F . 10.59 12.04 -1.16
CAV 6L0 F . 9.95 12.86 -0.04
CBI 6L0 F . 10.86 12.97 1.17
OAB 6L0 F . 11.49 12.05 1.55
NBF 6L0 F . 10.90 14.25 1.83
CAT 6L0 F . 11.71 14.56 3.01
CAN 6L0 F . 12.51 15.86 2.75
CAK 6L0 F . 13.67 15.57 1.80
CAQ 6L0 F . 14.53 16.77 1.48
CBD 6L0 F . 15.70 16.40 0.56
NBP 6L0 F . 15.22 15.78 -0.66
CBM 6L0 F . 14.80 16.51 -1.81
OAF 6L0 F . 14.40 15.87 -2.75
OAI 6L0 F . 15.15 14.39 -0.78
FE FE G . 14.37 13.80 -2.37
CL CL H . 3.80 27.40 2.34
#